data_3OLD
#
_entry.id   3OLD
#
_cell.length_a   51.986
_cell.length_b   67.760
_cell.length_c   130.469
_cell.angle_alpha   90.00
_cell.angle_beta   90.00
_cell.angle_gamma   90.00
#
_symmetry.space_group_name_H-M   'P 21 21 21'
#
loop_
_entity.id
_entity.type
_entity.pdbx_description
1 polymer 'Pancreatic alpha-amylase'
2 branched alpha-D-glucopyranose-(1-4)-alpha-D-glucopyranose
3 branched alpha-D-quinovopyranose-(1-4)-alpha-D-glucopyranose-(1-4)-alpha-D-glucopyranose
4 branched alpha-D-glucopyranose-(1-4)-alpha-D-glucopyranose-(1-4)-alpha-D-glucopyranose
5 branched alpha-D-glucopyranose-(1-4)-alpha-D-glucopyranose-(1-4)-beta-D-glucopyranose
6 non-polymer 'CALCIUM ION'
7 non-polymer 'CHLORIDE ION'
8 non-polymer 'SULFATE ION'
9 non-polymer 2-acetamido-2-deoxy-beta-D-glucopyranose
10 non-polymer 6-AMINO-4-HYDROXYMETHYL-CYCLOHEX-4-ENE-1,2,3-TRIOL
11 non-polymer 'PYROGLUTAMIC ACID'
12 non-polymer (4S)-2-METHYL-2,4-PENTANEDIOL
13 water water
#
_entity_poly.entity_id   1
_entity_poly.type   'polypeptide(L)'
_entity_poly.pdbx_seq_one_letter_code
;QYSPNTQQGRTSIVHLFEWRWVDIALECERYLAPKGFGGVQVSPPNENVAIYNPFRPWWERYQPVSYKLCTRSGNEDEFR
NMVTRCNNVGVRIYVDAVINHMCGNAVSAGTSSTCGSYFNPGSRDFPAVPYSGWDFNDGKCKTGSGDIENYNDATQVRDC
RLTGLLDLALEKDYVRSKIAEYMNHLIDIGVAGFRLDASKHMWPGDIKAILDKLHNLNSNWFPAGSKPFIYQEVIDLGGE
PIKSSDYFGNGRVTEFKYGAKLGTVIRKWNGEKMSYLKNWGEGWGFMPSDRALVFVDNHDNQRGHGAGGASILTFWDARL
YKMAVGFMLAHPYGFTRVMSSYRWPRQFQNGNDVNDWVGPPNNNGVIKEVTINPDTTCGNDWVCEHRWRQIRNMVIFRNV
VDGQPFTNWYDNGSNQVAFGRGNRGFIVFNNDDWSFSLTLQTGLPAGTYCDVISGDKINGNCTGIKIYVSDDGKAHFSIS
NSAEDPFIAIHAESKL
;
_entity_poly.pdbx_strand_id   A
#
loop_
_chem_comp.id
_chem_comp.type
_chem_comp.name
_chem_comp.formula
ACI non-polymer 6-AMINO-4-HYDROXYMETHYL-CYCLOHEX-4-ENE-1,2,3-TRIOL 'C7 H13 N O4'
BGC D-saccharide, beta linking beta-D-glucopyranose 'C6 H12 O6'
CA non-polymer 'CALCIUM ION' 'Ca 2'
CL non-polymer 'CHLORIDE ION' 'Cl -1'
G6D D-saccharide, alpha linking alpha-D-quinovopyranose 'C6 H12 O5'
GLC D-saccharide, alpha linking alpha-D-glucopyranose 'C6 H12 O6'
MPD non-polymer (4S)-2-METHYL-2,4-PENTANEDIOL 'C6 H14 O2'
NAG D-saccharide, beta linking 2-acetamido-2-deoxy-beta-D-glucopyranose 'C8 H15 N O6'
SO4 non-polymer 'SULFATE ION' 'O4 S -2'
#
# COMPACT_ATOMS: atom_id res chain seq x y z
N TYR A 2 -4.20 9.98 -12.47
CA TYR A 2 -4.15 8.49 -12.55
C TYR A 2 -2.72 7.99 -12.63
N SER A 3 -1.79 8.86 -13.03
CA SER A 3 -0.39 8.44 -13.11
C SER A 3 0.32 8.79 -11.81
N PRO A 4 1.15 7.86 -11.31
CA PRO A 4 1.93 7.97 -10.07
C PRO A 4 2.99 9.06 -9.98
N ASN A 5 3.43 9.59 -11.12
CA ASN A 5 4.44 10.64 -11.15
C ASN A 5 5.80 10.14 -10.66
N THR A 6 6.04 8.84 -10.79
CA THR A 6 7.34 8.29 -10.40
C THR A 6 8.28 8.57 -11.56
N GLN A 7 9.56 8.28 -11.36
CA GLN A 7 10.52 8.45 -12.42
C GLN A 7 10.20 7.35 -13.43
N GLN A 8 10.41 7.61 -14.71
CA GLN A 8 10.15 6.59 -15.72
C GLN A 8 11.02 5.39 -15.34
N GLY A 9 10.44 4.20 -15.37
CA GLY A 9 11.22 3.02 -15.01
C GLY A 9 11.04 2.53 -13.58
N ARG A 10 10.33 3.30 -12.76
CA ARG A 10 10.06 2.90 -11.37
C ARG A 10 8.57 2.64 -11.29
N THR A 11 8.22 1.39 -11.01
CA THR A 11 6.85 0.92 -11.02
C THR A 11 6.12 0.54 -9.73
N SER A 12 6.73 0.77 -8.56
CA SER A 12 6.08 0.41 -7.31
C SER A 12 6.28 1.46 -6.23
N ILE A 13 5.39 1.44 -5.23
CA ILE A 13 5.51 2.33 -4.10
C ILE A 13 5.53 1.42 -2.87
N VAL A 14 6.13 1.88 -1.79
CA VAL A 14 6.19 1.07 -0.58
C VAL A 14 5.58 1.81 0.60
N HIS A 15 4.74 1.11 1.35
CA HIS A 15 4.10 1.72 2.51
C HIS A 15 4.99 1.51 3.73
N LEU A 16 5.72 2.57 4.09
CA LEU A 16 6.59 2.50 5.27
C LEU A 16 5.71 2.93 6.43
N PHE A 17 4.85 2.00 6.83
CA PHE A 17 3.87 2.14 7.90
C PHE A 17 4.44 2.60 9.24
N GLU A 18 4.01 3.77 9.67
CA GLU A 18 4.44 4.35 10.96
C GLU A 18 5.92 4.74 11.07
N TRP A 19 6.64 4.75 9.96
CA TRP A 19 8.04 5.14 10.00
C TRP A 19 8.16 6.63 10.29
N ARG A 20 9.25 7.02 10.93
CA ARG A 20 9.52 8.41 11.26
C ARG A 20 10.10 9.07 10.00
N TRP A 21 9.89 10.38 9.86
CA TRP A 21 10.37 11.10 8.69
C TRP A 21 11.88 10.99 8.46
N VAL A 22 12.68 11.13 9.52
CA VAL A 22 14.13 11.05 9.35
C VAL A 22 14.58 9.68 8.84
N ASP A 23 13.87 8.63 9.25
CA ASP A 23 14.21 7.28 8.81
C ASP A 23 13.85 7.06 7.34
N ILE A 24 12.74 7.65 6.91
CA ILE A 24 12.31 7.53 5.52
C ILE A 24 13.28 8.29 4.61
N ALA A 25 13.70 9.47 5.05
CA ALA A 25 14.63 10.28 4.27
C ALA A 25 15.92 9.47 4.04
N LEU A 26 16.42 8.84 5.10
CA LEU A 26 17.63 8.03 5.02
C LEU A 26 17.39 6.84 4.12
N GLU A 27 16.25 6.19 4.28
CA GLU A 27 15.91 5.02 3.48
C GLU A 27 15.87 5.41 2.00
N CYS A 28 15.35 6.59 1.69
CA CYS A 28 15.28 7.04 0.29
C CYS A 28 16.67 7.07 -0.34
N GLU A 29 17.61 7.68 0.36
CA GLU A 29 18.99 7.83 -0.12
C GLU A 29 19.85 6.57 -0.11
N ARG A 30 19.73 5.78 0.95
CA ARG A 30 20.55 4.58 1.08
C ARG A 30 20.01 3.31 0.47
N TYR A 31 18.70 3.25 0.21
CA TYR A 31 18.12 2.02 -0.31
C TYR A 31 17.11 2.16 -1.45
N LEU A 32 16.03 2.90 -1.20
CA LEU A 32 14.97 3.07 -2.18
C LEU A 32 15.45 3.60 -3.53
N ALA A 33 16.32 4.59 -3.52
CA ALA A 33 16.82 5.16 -4.77
C ALA A 33 17.61 4.13 -5.58
N PRO A 34 18.68 3.55 -5.00
CA PRO A 34 19.45 2.56 -5.77
C PRO A 34 18.70 1.27 -6.13
N LYS A 35 17.74 0.87 -5.30
CA LYS A 35 16.97 -0.35 -5.58
C LYS A 35 15.78 -0.16 -6.50
N GLY A 36 15.61 1.07 -7.00
CA GLY A 36 14.55 1.35 -7.95
C GLY A 36 13.11 1.49 -7.47
N PHE A 37 12.88 1.80 -6.20
CA PHE A 37 11.50 1.97 -5.72
C PHE A 37 10.98 3.31 -6.22
N GLY A 38 9.74 3.33 -6.67
CA GLY A 38 9.16 4.56 -7.19
C GLY A 38 8.78 5.59 -6.14
N GLY A 39 8.33 5.13 -4.98
CA GLY A 39 7.95 6.07 -3.96
C GLY A 39 7.56 5.45 -2.63
N VAL A 40 7.12 6.30 -1.71
CA VAL A 40 6.75 5.88 -0.37
C VAL A 40 5.42 6.45 0.08
N GLN A 41 4.55 5.59 0.60
CA GLN A 41 3.28 6.06 1.14
C GLN A 41 3.61 6.23 2.61
N VAL A 42 3.39 7.44 3.14
CA VAL A 42 3.68 7.69 4.54
C VAL A 42 2.40 7.70 5.37
N SER A 43 2.56 7.53 6.67
CA SER A 43 1.41 7.54 7.56
C SER A 43 0.93 9.00 7.64
N PRO A 44 -0.31 9.23 8.06
CA PRO A 44 -0.84 10.60 8.15
C PRO A 44 0.16 11.54 8.84
N PRO A 45 0.53 12.64 8.16
CA PRO A 45 1.48 13.63 8.68
C PRO A 45 0.86 14.73 9.51
N ASN A 46 -0.47 14.76 9.56
CA ASN A 46 -1.20 15.78 10.33
C ASN A 46 -1.42 15.39 11.79
N GLU A 47 -1.52 16.40 12.65
CA GLU A 47 -1.71 16.20 14.08
C GLU A 47 -2.91 15.31 14.40
N ASN A 48 -2.70 14.37 15.30
CA ASN A 48 -3.77 13.45 15.66
C ASN A 48 -3.97 13.31 17.17
N VAL A 49 -5.04 12.64 17.54
CA VAL A 49 -5.35 12.40 18.93
C VAL A 49 -4.32 11.46 19.56
N ALA A 50 -3.85 11.83 20.75
CA ALA A 50 -2.90 11.01 21.49
C ALA A 50 -3.76 10.11 22.36
N ILE A 51 -3.77 8.82 22.06
CA ILE A 51 -4.59 7.86 22.80
C ILE A 51 -3.78 6.97 23.75
N TYR A 52 -4.21 6.95 25.02
CA TYR A 52 -3.54 6.20 26.08
C TYR A 52 -4.17 4.90 26.47
N ASN A 53 -5.41 4.71 26.07
CA ASN A 53 -6.08 3.48 26.38
C ASN A 53 -6.81 3.02 25.15
N PRO A 54 -6.23 2.06 24.41
CA PRO A 54 -4.96 1.40 24.72
C PRO A 54 -3.75 2.36 24.54
N PHE A 55 -2.55 1.87 24.82
CA PHE A 55 -1.35 2.71 24.70
C PHE A 55 -0.85 3.00 23.29
N ARG A 56 -1.08 4.24 22.84
CA ARG A 56 -0.64 4.71 21.53
C ARG A 56 -0.86 3.70 20.40
N PRO A 57 -2.12 3.34 20.13
CA PRO A 57 -2.42 2.38 19.06
C PRO A 57 -2.10 3.00 17.70
N TRP A 58 -1.78 2.16 16.73
CA TRP A 58 -1.47 2.66 15.40
C TRP A 58 -2.65 3.49 14.88
N TRP A 59 -3.88 3.07 15.20
CA TRP A 59 -5.03 3.78 14.68
C TRP A 59 -5.34 5.15 15.24
N GLU A 60 -4.56 5.64 16.22
CA GLU A 60 -4.84 6.98 16.73
C GLU A 60 -4.51 7.99 15.62
N ARG A 61 -3.70 7.57 14.65
CA ARG A 61 -3.32 8.47 13.57
C ARG A 61 -4.42 8.72 12.55
N TYR A 62 -5.54 8.03 12.72
CA TYR A 62 -6.68 8.21 11.82
C TYR A 62 -7.79 9.00 12.52
N GLN A 63 -7.38 9.75 13.54
CA GLN A 63 -8.30 10.62 14.29
C GLN A 63 -7.66 12.00 14.33
N PRO A 64 -7.81 12.78 13.26
CA PRO A 64 -7.26 14.13 13.14
C PRO A 64 -7.70 15.14 14.20
N VAL A 65 -6.76 16.00 14.60
CA VAL A 65 -7.02 17.06 15.57
C VAL A 65 -6.83 18.40 14.86
N SER A 66 -5.90 18.43 13.91
CA SER A 66 -5.63 19.63 13.12
C SER A 66 -4.84 19.21 11.89
N TYR A 67 -4.45 20.18 11.06
CA TYR A 67 -3.69 19.89 9.87
C TYR A 67 -2.23 20.30 10.00
N LYS A 68 -1.80 20.54 11.23
CA LYS A 68 -0.40 20.90 11.50
C LYS A 68 0.38 19.61 11.25
N LEU A 69 1.56 19.70 10.64
CA LEU A 69 2.37 18.53 10.35
C LEU A 69 3.22 18.22 11.57
N CYS A 70 2.55 17.70 12.60
CA CYS A 70 3.20 17.42 13.86
C CYS A 70 2.65 16.11 14.44
N THR A 71 3.43 15.05 14.29
CA THR A 71 3.05 13.71 14.72
C THR A 71 4.21 12.95 15.37
N ARG A 72 3.98 11.69 15.70
CA ARG A 72 5.02 10.86 16.28
C ARG A 72 6.11 10.58 15.24
N SER A 73 5.79 10.82 13.97
CA SER A 73 6.76 10.60 12.91
C SER A 73 7.72 11.79 12.79
N GLY A 74 7.30 12.95 13.29
CA GLY A 74 8.14 14.13 13.23
C GLY A 74 7.36 15.43 13.09
N ASN A 75 8.08 16.55 13.05
CA ASN A 75 7.45 17.86 12.88
C ASN A 75 7.47 18.30 11.42
N GLU A 76 7.03 19.53 11.14
CA GLU A 76 7.00 20.00 9.76
C GLU A 76 8.36 20.10 9.08
N ASP A 77 9.36 20.60 9.82
CA ASP A 77 10.70 20.73 9.24
C ASP A 77 11.24 19.35 8.87
N GLU A 78 10.99 18.36 9.71
CA GLU A 78 11.46 17.01 9.44
C GLU A 78 10.71 16.42 8.26
N PHE A 79 9.42 16.76 8.14
CA PHE A 79 8.62 16.26 7.03
C PHE A 79 9.15 16.85 5.71
N ARG A 80 9.36 18.16 5.69
CA ARG A 80 9.89 18.84 4.50
C ARG A 80 11.27 18.31 4.13
N ASN A 81 12.09 18.09 5.16
CA ASN A 81 13.43 17.58 4.96
C ASN A 81 13.34 16.25 4.22
N MET A 82 12.44 15.39 4.68
CA MET A 82 12.23 14.08 4.07
C MET A 82 11.78 14.18 2.61
N VAL A 83 10.73 14.98 2.35
CA VAL A 83 10.22 15.14 0.99
C VAL A 83 11.29 15.64 0.04
N THR A 84 12.05 16.65 0.50
CA THR A 84 13.13 17.23 -0.29
C THR A 84 14.22 16.21 -0.62
N ARG A 85 14.70 15.50 0.40
CA ARG A 85 15.76 14.51 0.22
C ARG A 85 15.33 13.34 -0.66
N CYS A 86 14.09 12.89 -0.50
CA CYS A 86 13.58 11.79 -1.31
C CYS A 86 13.41 12.25 -2.76
N ASN A 87 12.78 13.40 -2.96
CA ASN A 87 12.61 13.91 -4.32
C ASN A 87 13.97 14.13 -4.96
N ASN A 88 14.92 14.62 -4.18
CA ASN A 88 16.25 14.87 -4.72
C ASN A 88 16.93 13.61 -5.23
N VAL A 89 16.50 12.45 -4.76
CA VAL A 89 17.09 11.21 -5.24
C VAL A 89 16.08 10.44 -6.11
N GLY A 90 15.07 11.15 -6.60
CA GLY A 90 14.07 10.56 -7.47
C GLY A 90 13.08 9.57 -6.86
N VAL A 91 12.83 9.68 -5.55
CA VAL A 91 11.90 8.80 -4.88
C VAL A 91 10.76 9.66 -4.32
N ARG A 92 9.54 9.37 -4.76
CA ARG A 92 8.38 10.15 -4.37
C ARG A 92 7.76 9.88 -3.01
N ILE A 93 6.95 10.83 -2.56
CA ILE A 93 6.25 10.75 -1.30
C ILE A 93 4.75 10.91 -1.55
N TYR A 94 3.97 9.97 -1.03
CA TYR A 94 2.52 9.99 -1.18
C TYR A 94 1.95 10.04 0.23
N VAL A 95 1.07 11.01 0.46
CA VAL A 95 0.48 11.20 1.78
C VAL A 95 -0.87 10.52 1.99
N ASP A 96 -0.98 9.85 3.13
CA ASP A 96 -2.21 9.18 3.54
C ASP A 96 -3.06 10.33 4.08
N ALA A 97 -3.98 10.83 3.26
CA ALA A 97 -4.83 11.95 3.64
C ALA A 97 -6.13 11.54 4.31
N VAL A 98 -6.26 11.88 5.60
CA VAL A 98 -7.43 11.56 6.39
C VAL A 98 -8.28 12.82 6.40
N ILE A 99 -9.20 12.91 5.43
CA ILE A 99 -10.01 14.10 5.26
C ILE A 99 -11.52 13.91 5.39
N ASN A 100 -11.94 12.70 5.70
CA ASN A 100 -13.36 12.40 5.85
C ASN A 100 -13.91 12.78 7.22
N HIS A 101 -13.03 12.79 8.22
CA HIS A 101 -13.46 13.05 9.58
C HIS A 101 -12.34 13.63 10.44
N MET A 102 -12.69 13.92 11.68
CA MET A 102 -11.74 14.39 12.66
C MET A 102 -11.67 13.25 13.69
N CYS A 103 -11.66 13.56 14.98
CA CYS A 103 -11.56 12.47 15.96
C CYS A 103 -12.86 11.77 16.34
N GLY A 104 -12.74 10.73 17.15
CA GLY A 104 -13.91 10.01 17.61
C GLY A 104 -14.74 10.97 18.43
N ASN A 105 -16.06 10.89 18.30
CA ASN A 105 -16.93 11.82 19.02
C ASN A 105 -16.94 11.64 20.53
N ALA A 106 -16.37 10.55 21.02
CA ALA A 106 -16.34 10.29 22.46
C ALA A 106 -15.00 10.60 23.14
N VAL A 107 -14.00 10.99 22.37
CA VAL A 107 -12.69 11.31 22.94
C VAL A 107 -12.83 12.53 23.86
N SER A 108 -12.17 12.49 25.01
CA SER A 108 -12.22 13.60 25.96
C SER A 108 -11.56 14.87 25.43
N ALA A 109 -12.21 16.01 25.69
CA ALA A 109 -11.69 17.30 25.27
C ALA A 109 -10.41 17.61 26.03
N GLY A 110 -9.50 18.34 25.39
CA GLY A 110 -8.25 18.67 26.04
C GLY A 110 -7.13 18.88 25.06
N THR A 111 -5.90 18.59 25.47
CA THR A 111 -4.74 18.75 24.61
C THR A 111 -3.97 17.46 24.41
N SER A 112 -4.67 16.33 24.51
CA SER A 112 -4.05 15.04 24.32
C SER A 112 -3.98 14.82 22.82
N SER A 113 -3.08 15.57 22.18
CA SER A 113 -2.87 15.51 20.75
C SER A 113 -1.37 15.51 20.51
N THR A 114 -0.95 15.06 19.34
CA THR A 114 0.47 14.98 19.04
C THR A 114 1.23 16.30 18.98
N CYS A 115 0.51 17.42 19.03
CA CYS A 115 1.17 18.73 18.99
C CYS A 115 0.65 19.65 20.10
N GLY A 116 -0.19 19.11 20.96
CA GLY A 116 -0.71 19.90 22.06
C GLY A 116 -1.90 20.79 21.72
N SER A 117 -2.43 20.68 20.51
CA SER A 117 -3.56 21.50 20.11
C SER A 117 -4.79 21.11 20.93
N TYR A 118 -5.57 22.10 21.33
CA TYR A 118 -6.79 21.84 22.09
C TYR A 118 -7.89 21.44 21.11
N PHE A 119 -8.76 20.53 21.55
CA PHE A 119 -9.88 20.11 20.74
C PHE A 119 -10.96 19.59 21.69
N ASN A 120 -12.22 19.76 21.29
CA ASN A 120 -13.33 19.33 22.12
C ASN A 120 -14.34 18.59 21.25
N PRO A 121 -14.17 17.27 21.12
CA PRO A 121 -15.06 16.44 20.30
C PRO A 121 -16.53 16.65 20.65
N GLY A 122 -16.83 16.71 21.95
CA GLY A 122 -18.19 16.89 22.40
C GLY A 122 -18.87 18.13 21.87
N SER A 123 -18.12 19.23 21.78
CA SER A 123 -18.67 20.48 21.30
C SER A 123 -18.36 20.70 19.81
N ARG A 124 -17.81 19.67 19.17
CA ARG A 124 -17.46 19.73 17.74
C ARG A 124 -16.50 20.88 17.50
N ASP A 125 -15.64 21.13 18.47
CA ASP A 125 -14.70 22.24 18.42
C ASP A 125 -13.23 21.85 18.18
N PHE A 126 -12.70 22.24 17.02
CA PHE A 126 -11.32 21.98 16.65
C PHE A 126 -10.71 23.29 16.17
N PRO A 127 -10.46 24.23 17.10
CA PRO A 127 -9.91 25.56 16.85
C PRO A 127 -8.59 25.65 16.07
N ALA A 128 -7.81 24.57 16.09
CA ALA A 128 -6.53 24.58 15.39
C ALA A 128 -6.67 24.55 13.87
N VAL A 129 -7.87 24.24 13.36
CA VAL A 129 -8.07 24.19 11.92
C VAL A 129 -8.43 25.55 11.30
N PRO A 130 -9.55 26.16 11.71
CA PRO A 130 -10.56 25.76 12.70
C PRO A 130 -11.86 25.19 12.12
N TYR A 131 -12.44 24.25 12.86
CA TYR A 131 -13.72 23.64 12.52
C TYR A 131 -14.63 23.82 13.74
N SER A 132 -15.93 23.92 13.50
CA SER A 132 -16.88 24.05 14.61
C SER A 132 -18.09 23.18 14.30
N GLY A 133 -19.09 23.25 15.16
CA GLY A 133 -20.29 22.45 14.99
C GLY A 133 -20.91 22.39 13.61
N TRP A 134 -21.00 23.52 12.91
CA TRP A 134 -21.61 23.48 11.60
C TRP A 134 -20.71 22.97 10.48
N ASP A 135 -19.56 22.42 10.83
CA ASP A 135 -18.65 21.87 9.83
C ASP A 135 -18.73 20.35 9.83
N PHE A 136 -19.68 19.80 10.60
CA PHE A 136 -19.87 18.36 10.71
C PHE A 136 -21.28 17.93 10.25
N ASN A 137 -21.47 16.63 10.02
CA ASN A 137 -22.74 16.12 9.51
C ASN A 137 -23.81 15.69 10.51
N ASP A 138 -23.73 16.19 11.75
CA ASP A 138 -24.71 15.84 12.77
C ASP A 138 -26.15 15.94 12.30
N GLY A 139 -26.50 17.07 11.68
CA GLY A 139 -27.86 17.26 11.22
C GLY A 139 -28.21 16.54 9.92
N LYS A 140 -27.18 16.21 9.14
CA LYS A 140 -27.37 15.54 7.85
C LYS A 140 -27.61 14.03 8.01
N CYS A 141 -26.88 13.39 8.91
CA CYS A 141 -27.03 11.96 9.13
C CYS A 141 -28.43 11.60 9.61
N LYS A 142 -28.99 10.50 9.10
CA LYS A 142 -30.34 10.09 9.47
C LYS A 142 -30.49 8.83 10.32
N THR A 143 -29.39 8.23 10.73
CA THR A 143 -29.45 7.03 11.56
C THR A 143 -29.80 7.40 13.01
N GLY A 144 -30.34 6.44 13.75
CA GLY A 144 -30.71 6.70 15.13
C GLY A 144 -29.50 6.87 16.05
N SER A 145 -28.39 6.21 15.70
CA SER A 145 -27.17 6.30 16.50
C SER A 145 -26.32 7.48 16.07
N GLY A 146 -26.50 7.91 14.82
CA GLY A 146 -25.70 9.00 14.32
C GLY A 146 -24.47 8.40 13.66
N ASP A 147 -24.29 7.09 13.85
CA ASP A 147 -23.16 6.38 13.25
C ASP A 147 -23.66 5.56 12.06
N ILE A 148 -22.71 5.08 11.27
CA ILE A 148 -23.02 4.24 10.12
C ILE A 148 -23.49 2.90 10.69
N GLU A 149 -24.69 2.49 10.34
CA GLU A 149 -25.26 1.24 10.84
C GLU A 149 -25.48 0.17 9.77
N ASN A 150 -25.63 0.59 8.52
CA ASN A 150 -25.95 -0.35 7.45
C ASN A 150 -25.30 0.02 6.11
N TYR A 151 -24.35 -0.78 5.65
CA TYR A 151 -23.67 -0.49 4.38
C TYR A 151 -24.53 -0.63 3.12
N ASN A 152 -25.76 -1.08 3.27
CA ASN A 152 -26.65 -1.22 2.11
C ASN A 152 -27.37 0.09 1.80
N ASP A 153 -27.15 1.08 2.64
CA ASP A 153 -27.73 2.40 2.44
C ASP A 153 -26.55 3.32 2.10
N ALA A 154 -26.37 3.59 0.81
CA ALA A 154 -25.26 4.41 0.36
C ALA A 154 -25.21 5.82 0.96
N THR A 155 -26.36 6.35 1.39
CA THR A 155 -26.37 7.69 1.95
C THR A 155 -25.78 7.80 3.36
N GLN A 156 -26.20 6.92 4.27
CA GLN A 156 -25.67 6.98 5.62
C GLN A 156 -24.18 6.65 5.64
N VAL A 157 -23.74 5.85 4.67
CA VAL A 157 -22.32 5.49 4.61
C VAL A 157 -21.51 6.76 4.40
N ARG A 158 -22.08 7.72 3.67
CA ARG A 158 -21.43 8.99 3.38
C ARG A 158 -21.70 10.09 4.39
N ASP A 159 -22.93 10.15 4.92
CA ASP A 159 -23.30 11.23 5.83
C ASP A 159 -23.19 10.96 7.32
N CYS A 160 -22.97 9.72 7.72
CA CYS A 160 -22.89 9.39 9.13
C CYS A 160 -21.47 9.06 9.58
N ARG A 161 -21.29 8.91 10.89
CA ARG A 161 -19.99 8.65 11.49
C ARG A 161 -19.44 7.23 11.36
N LEU A 162 -18.28 7.11 10.73
CA LEU A 162 -17.61 5.81 10.59
C LEU A 162 -17.10 5.47 11.98
N THR A 163 -17.68 4.44 12.59
CA THR A 163 -17.33 4.02 13.94
C THR A 163 -17.14 5.20 14.90
N GLY A 164 -18.12 6.11 14.88
CA GLY A 164 -18.07 7.28 15.77
C GLY A 164 -17.21 8.46 15.39
N LEU A 165 -16.44 8.37 14.30
CA LEU A 165 -15.58 9.47 13.88
C LEU A 165 -16.38 10.67 13.39
N LEU A 166 -16.17 11.84 14.01
CA LEU A 166 -16.90 13.06 13.63
C LEU A 166 -16.75 13.28 12.13
N ASP A 167 -17.89 13.23 11.44
CA ASP A 167 -17.97 13.34 9.99
C ASP A 167 -18.05 14.75 9.44
N LEU A 168 -17.02 15.16 8.69
CA LEU A 168 -16.97 16.50 8.10
C LEU A 168 -18.00 16.72 7.00
N ALA A 169 -18.58 17.92 6.98
CA ALA A 169 -19.57 18.31 5.98
C ALA A 169 -18.83 18.73 4.72
N LEU A 170 -18.39 17.74 3.96
CA LEU A 170 -17.62 17.97 2.74
C LEU A 170 -18.34 18.68 1.60
N GLU A 171 -19.61 19.01 1.78
CA GLU A 171 -20.33 19.73 0.73
C GLU A 171 -20.10 21.23 0.88
N LYS A 172 -19.63 21.64 2.05
CA LYS A 172 -19.38 23.05 2.33
C LYS A 172 -18.08 23.52 1.68
N ASP A 173 -18.13 24.69 1.03
CA ASP A 173 -16.93 25.19 0.40
C ASP A 173 -15.87 25.50 1.45
N TYR A 174 -16.29 25.91 2.64
CA TYR A 174 -15.31 26.21 3.68
C TYR A 174 -14.52 24.97 4.07
N VAL A 175 -15.20 23.85 4.27
CA VAL A 175 -14.53 22.61 4.65
C VAL A 175 -13.66 22.11 3.50
N ARG A 176 -14.19 22.18 2.29
CA ARG A 176 -13.42 21.76 1.11
C ARG A 176 -12.15 22.60 1.03
N SER A 177 -12.28 23.89 1.29
CA SER A 177 -11.15 24.82 1.25
C SER A 177 -10.09 24.57 2.32
N LYS A 178 -10.51 24.18 3.52
CA LYS A 178 -9.54 23.93 4.59
C LYS A 178 -8.77 22.66 4.27
N ILE A 179 -9.45 21.68 3.69
CA ILE A 179 -8.81 20.44 3.31
C ILE A 179 -7.82 20.73 2.18
N ALA A 180 -8.26 21.50 1.20
CA ALA A 180 -7.41 21.85 0.06
C ALA A 180 -6.18 22.63 0.52
N GLU A 181 -6.38 23.51 1.50
CA GLU A 181 -5.29 24.30 2.05
C GLU A 181 -4.23 23.35 2.61
N TYR A 182 -4.68 22.31 3.29
CA TYR A 182 -3.80 21.30 3.87
C TYR A 182 -3.06 20.51 2.77
N MET A 183 -3.82 19.98 1.82
CA MET A 183 -3.23 19.20 0.73
C MET A 183 -2.33 20.03 -0.18
N ASN A 184 -2.68 21.29 -0.43
CA ASN A 184 -1.84 22.15 -1.28
C ASN A 184 -0.54 22.51 -0.57
N HIS A 185 -0.58 22.55 0.76
CA HIS A 185 0.62 22.85 1.54
C HIS A 185 1.61 21.70 1.26
N LEU A 186 1.07 20.48 1.32
CA LEU A 186 1.84 19.28 1.08
C LEU A 186 2.36 19.22 -0.37
N ILE A 187 1.47 19.49 -1.32
CA ILE A 187 1.87 19.48 -2.73
C ILE A 187 3.01 20.47 -2.98
N ASP A 188 2.83 21.71 -2.52
CA ASP A 188 3.85 22.73 -2.71
C ASP A 188 5.16 22.34 -2.01
N ILE A 189 5.05 21.55 -0.94
CA ILE A 189 6.21 21.07 -0.19
C ILE A 189 6.95 20.06 -1.08
N GLY A 190 6.21 19.37 -1.94
CA GLY A 190 6.83 18.39 -2.82
C GLY A 190 6.20 17.01 -2.92
N VAL A 191 5.10 16.75 -2.19
CA VAL A 191 4.47 15.42 -2.27
C VAL A 191 3.93 15.19 -3.68
N ALA A 192 3.99 13.94 -4.14
CA ALA A 192 3.55 13.58 -5.48
C ALA A 192 2.12 13.09 -5.62
N GLY A 193 1.49 12.76 -4.50
CA GLY A 193 0.13 12.27 -4.57
C GLY A 193 -0.45 11.94 -3.20
N PHE A 194 -1.65 11.38 -3.19
CA PHE A 194 -2.31 11.04 -1.95
C PHE A 194 -3.14 9.77 -1.95
N ARG A 195 -3.20 9.15 -0.78
CA ARG A 195 -4.05 8.00 -0.57
C ARG A 195 -5.20 8.71 0.13
N LEU A 196 -6.41 8.64 -0.43
CA LEU A 196 -7.54 9.30 0.19
C LEU A 196 -8.21 8.30 1.10
N ASP A 197 -7.94 8.44 2.39
CA ASP A 197 -8.48 7.54 3.40
C ASP A 197 -10.01 7.59 3.45
N ALA A 198 -10.62 6.42 3.68
CA ALA A 198 -12.07 6.32 3.78
C ALA A 198 -12.82 7.02 2.65
N SER A 199 -12.41 6.79 1.41
CA SER A 199 -13.08 7.42 0.29
C SER A 199 -14.51 6.94 0.11
N LYS A 200 -14.79 5.70 0.46
CA LYS A 200 -16.15 5.17 0.33
C LYS A 200 -17.10 6.02 1.15
N HIS A 201 -16.56 6.66 2.18
CA HIS A 201 -17.35 7.47 3.08
C HIS A 201 -17.50 8.91 2.62
N MET A 202 -16.99 9.22 1.44
CA MET A 202 -17.12 10.56 0.90
C MET A 202 -17.83 10.46 -0.44
N TRP A 203 -18.70 11.41 -0.73
CA TRP A 203 -19.40 11.40 -2.01
C TRP A 203 -18.40 11.63 -3.11
N PRO A 204 -18.49 10.86 -4.21
CA PRO A 204 -17.55 11.02 -5.32
C PRO A 204 -17.48 12.49 -5.75
N GLY A 205 -18.62 13.17 -5.74
CA GLY A 205 -18.68 14.57 -6.13
C GLY A 205 -17.99 15.51 -5.17
N ASP A 206 -17.99 15.18 -3.87
CA ASP A 206 -17.33 16.05 -2.90
C ASP A 206 -15.82 15.91 -3.06
N ILE A 207 -15.37 14.69 -3.31
CA ILE A 207 -13.95 14.44 -3.52
C ILE A 207 -13.51 15.25 -4.74
N LYS A 208 -14.28 15.15 -5.82
CA LYS A 208 -13.96 15.88 -7.05
C LYS A 208 -13.86 17.38 -6.80
N ALA A 209 -14.78 17.91 -6.01
CA ALA A 209 -14.77 19.34 -5.68
C ALA A 209 -13.47 19.73 -4.98
N ILE A 210 -13.01 18.88 -4.07
CA ILE A 210 -11.77 19.14 -3.35
C ILE A 210 -10.58 19.04 -4.29
N LEU A 211 -10.57 18.02 -5.14
CA LEU A 211 -9.47 17.82 -6.08
C LEU A 211 -9.37 18.99 -7.06
N ASP A 212 -10.50 19.62 -7.37
CA ASP A 212 -10.50 20.75 -8.28
C ASP A 212 -9.80 21.97 -7.68
N LYS A 213 -9.53 21.91 -6.38
CA LYS A 213 -8.85 23.03 -5.72
C LYS A 213 -7.34 22.78 -5.59
N LEU A 214 -6.90 21.57 -5.91
CA LEU A 214 -5.48 21.22 -5.79
C LEU A 214 -4.55 21.74 -6.87
N HIS A 215 -3.34 22.09 -6.45
CA HIS A 215 -2.30 22.60 -7.35
C HIS A 215 -1.69 21.46 -8.14
N ASN A 216 -0.89 21.83 -9.12
CA ASN A 216 -0.13 20.88 -9.92
C ASN A 216 1.11 20.67 -9.06
N LEU A 217 1.86 19.59 -9.30
CA LEU A 217 3.03 19.30 -8.48
C LEU A 217 4.12 20.37 -8.56
N ASN A 218 4.92 20.47 -7.49
CA ASN A 218 5.98 21.48 -7.42
C ASN A 218 6.87 21.46 -8.65
N SER A 219 6.84 22.55 -9.41
CA SER A 219 7.60 22.67 -10.64
C SER A 219 9.14 22.61 -10.54
N ASN A 220 9.66 22.56 -9.33
CA ASN A 220 11.12 22.46 -9.13
C ASN A 220 11.56 21.01 -9.33
N TRP A 221 10.63 20.07 -9.14
CA TRP A 221 10.93 18.64 -9.29
C TRP A 221 10.11 17.95 -10.37
N PHE A 222 8.93 18.48 -10.67
CA PHE A 222 8.05 17.86 -11.65
C PHE A 222 7.77 18.70 -12.88
N PRO A 223 7.47 18.06 -14.02
CA PRO A 223 7.18 18.76 -15.28
C PRO A 223 5.94 19.63 -15.06
N ALA A 224 5.84 20.73 -15.80
CA ALA A 224 4.70 21.61 -15.67
C ALA A 224 3.40 20.87 -15.98
N GLY A 225 2.36 21.15 -15.20
CA GLY A 225 1.09 20.50 -15.44
C GLY A 225 0.92 19.11 -14.84
N SER A 226 1.84 18.71 -13.97
CA SER A 226 1.75 17.40 -13.35
C SER A 226 0.65 17.40 -12.29
N LYS A 227 -0.30 16.49 -12.43
CA LYS A 227 -1.41 16.36 -11.50
C LYS A 227 -1.02 15.38 -10.40
N PRO A 228 -1.39 15.68 -9.14
CA PRO A 228 -1.04 14.76 -8.06
C PRO A 228 -1.73 13.41 -8.27
N PHE A 229 -0.99 12.34 -7.96
CA PHE A 229 -1.51 10.98 -8.06
C PHE A 229 -2.56 10.81 -6.98
N ILE A 230 -3.72 10.30 -7.36
CA ILE A 230 -4.79 10.09 -6.40
C ILE A 230 -5.26 8.64 -6.40
N TYR A 231 -5.18 7.98 -5.24
CA TYR A 231 -5.71 6.63 -5.13
C TYR A 231 -6.63 6.61 -3.92
N GLN A 232 -7.90 6.38 -4.18
CA GLN A 232 -8.93 6.37 -3.15
C GLN A 232 -9.14 5.01 -2.50
N GLU A 233 -9.19 4.99 -1.17
CA GLU A 233 -9.42 3.73 -0.45
C GLU A 233 -10.91 3.46 -0.44
N VAL A 234 -11.32 2.47 -1.22
CA VAL A 234 -12.71 2.08 -1.28
C VAL A 234 -12.71 0.57 -1.23
N ILE A 235 -13.28 0.01 -0.18
CA ILE A 235 -13.35 -1.44 -0.04
C ILE A 235 -14.64 -1.90 -0.72
N ASP A 236 -14.48 -2.47 -1.91
CA ASP A 236 -15.61 -2.98 -2.68
C ASP A 236 -15.33 -4.43 -3.03
N LEU A 237 -15.96 -5.34 -2.31
CA LEU A 237 -15.80 -6.77 -2.52
C LEU A 237 -17.11 -7.33 -3.05
N GLY A 238 -18.00 -6.42 -3.47
CA GLY A 238 -19.30 -6.82 -3.98
C GLY A 238 -20.30 -6.88 -2.84
N GLY A 239 -21.57 -7.09 -3.18
CA GLY A 239 -22.61 -7.19 -2.16
C GLY A 239 -23.07 -5.89 -1.54
N GLU A 240 -22.54 -4.76 -2.01
CA GLU A 240 -22.93 -3.46 -1.48
C GLU A 240 -23.30 -2.52 -2.62
N PRO A 241 -24.16 -1.53 -2.35
CA PRO A 241 -24.57 -0.57 -3.38
C PRO A 241 -23.44 0.29 -3.94
N ILE A 242 -22.50 0.67 -3.08
CA ILE A 242 -21.38 1.51 -3.51
C ILE A 242 -20.33 0.69 -4.24
N LYS A 243 -19.98 1.12 -5.45
CA LYS A 243 -18.99 0.41 -6.26
C LYS A 243 -17.73 1.26 -6.43
N SER A 244 -16.60 0.59 -6.60
CA SER A 244 -15.31 1.27 -6.81
C SER A 244 -15.37 2.18 -8.02
N SER A 245 -16.04 1.72 -9.07
CA SER A 245 -16.18 2.47 -10.31
C SER A 245 -16.79 3.86 -10.12
N ASP A 246 -17.57 4.04 -9.05
CA ASP A 246 -18.19 5.34 -8.80
C ASP A 246 -17.13 6.40 -8.55
N TYR A 247 -15.90 5.97 -8.30
CA TYR A 247 -14.81 6.90 -8.01
C TYR A 247 -13.76 7.08 -9.11
N PHE A 248 -13.94 6.39 -10.25
CA PHE A 248 -12.98 6.48 -11.35
C PHE A 248 -12.75 7.90 -11.88
N GLY A 249 -13.73 8.78 -11.69
CA GLY A 249 -13.59 10.14 -12.17
C GLY A 249 -12.65 11.00 -11.35
N ASN A 250 -12.20 10.49 -10.21
CA ASN A 250 -11.29 11.24 -9.33
C ASN A 250 -9.86 10.74 -9.38
N GLY A 251 -9.69 9.47 -9.72
CA GLY A 251 -8.35 8.89 -9.77
C GLY A 251 -8.41 7.38 -9.62
N ARG A 252 -7.29 6.78 -9.24
CA ARG A 252 -7.25 5.34 -9.06
C ARG A 252 -7.99 4.96 -7.78
N VAL A 253 -8.26 3.66 -7.63
CA VAL A 253 -8.97 3.15 -6.47
C VAL A 253 -8.31 1.85 -6.01
N THR A 254 -8.24 1.67 -4.70
CA THR A 254 -7.68 0.45 -4.13
C THR A 254 -8.54 -0.74 -4.54
N GLU A 255 -7.92 -1.78 -5.08
CA GLU A 255 -8.67 -2.97 -5.49
C GLU A 255 -8.46 -4.01 -4.38
N PHE A 256 -9.38 -4.05 -3.42
CA PHE A 256 -9.28 -5.00 -2.32
C PHE A 256 -9.60 -6.45 -2.71
N LYS A 257 -10.22 -6.63 -3.88
CA LYS A 257 -10.55 -7.98 -4.34
C LYS A 257 -9.24 -8.70 -4.69
N TYR A 258 -8.24 -7.92 -5.09
CA TYR A 258 -6.94 -8.46 -5.49
C TYR A 258 -6.25 -9.32 -4.43
N GLY A 259 -5.94 -8.72 -3.28
CA GLY A 259 -5.29 -9.46 -2.22
C GLY A 259 -6.19 -10.51 -1.58
N ALA A 260 -7.49 -10.23 -1.54
CA ALA A 260 -8.45 -11.17 -0.97
C ALA A 260 -8.42 -12.48 -1.74
N LYS A 261 -8.52 -12.40 -3.06
CA LYS A 261 -8.52 -13.60 -3.90
C LYS A 261 -7.15 -14.24 -4.05
N LEU A 262 -6.10 -13.42 -4.06
CA LEU A 262 -4.76 -13.95 -4.19
C LEU A 262 -4.46 -14.77 -2.93
N GLY A 263 -4.99 -14.30 -1.82
CA GLY A 263 -4.80 -15.01 -0.56
C GLY A 263 -5.50 -16.35 -0.58
N THR A 264 -6.74 -16.39 -1.06
CA THR A 264 -7.47 -17.66 -1.12
C THR A 264 -6.86 -18.63 -2.14
N VAL A 265 -6.39 -18.09 -3.25
CA VAL A 265 -5.77 -18.93 -4.28
C VAL A 265 -4.49 -19.59 -3.78
N ILE A 266 -3.62 -18.78 -3.18
CA ILE A 266 -2.34 -19.30 -2.67
C ILE A 266 -2.52 -20.25 -1.49
N ARG A 267 -3.53 -20.00 -0.65
CA ARG A 267 -3.78 -20.88 0.48
C ARG A 267 -4.59 -22.09 0.01
N LYS A 268 -5.00 -22.03 -1.26
CA LYS A 268 -5.78 -23.11 -1.88
C LYS A 268 -7.10 -23.39 -1.18
N TRP A 269 -7.76 -22.32 -0.76
CA TRP A 269 -9.04 -22.44 -0.08
C TRP A 269 -10.18 -22.66 -1.07
N ASN A 270 -11.17 -23.43 -0.63
CA ASN A 270 -12.35 -23.71 -1.43
C ASN A 270 -12.03 -24.26 -2.83
N GLY A 271 -11.02 -25.12 -2.91
CA GLY A 271 -10.65 -25.72 -4.18
C GLY A 271 -9.95 -24.82 -5.18
N GLU A 272 -9.61 -23.60 -4.78
CA GLU A 272 -8.93 -22.69 -5.70
C GLU A 272 -7.48 -23.11 -5.92
N LYS A 273 -6.94 -22.75 -7.07
CA LYS A 273 -5.56 -23.11 -7.40
C LYS A 273 -4.92 -22.10 -8.35
N MET A 274 -3.60 -22.09 -8.37
CA MET A 274 -2.87 -21.15 -9.22
C MET A 274 -3.11 -21.26 -10.72
N SER A 275 -3.53 -22.44 -11.18
CA SER A 275 -3.80 -22.59 -12.61
C SER A 275 -4.95 -21.67 -13.01
N TYR A 276 -5.81 -21.34 -12.05
CA TYR A 276 -6.93 -20.46 -12.32
C TYR A 276 -6.53 -19.01 -12.60
N LEU A 277 -5.29 -18.67 -12.25
CA LEU A 277 -4.78 -17.32 -12.43
C LEU A 277 -4.44 -16.91 -13.87
N LYS A 278 -4.61 -17.82 -14.82
CA LYS A 278 -4.29 -17.49 -16.20
C LYS A 278 -4.99 -16.22 -16.68
N ASN A 279 -6.24 -16.01 -16.26
CA ASN A 279 -6.98 -14.82 -16.67
C ASN A 279 -7.07 -13.79 -15.54
N TRP A 280 -6.07 -13.78 -14.67
CA TRP A 280 -5.99 -12.85 -13.55
C TRP A 280 -6.22 -11.42 -14.03
N GLY A 281 -7.02 -10.66 -13.29
CA GLY A 281 -7.30 -9.28 -13.68
C GLY A 281 -8.80 -9.08 -13.79
N GLU A 282 -9.23 -8.37 -14.84
CA GLU A 282 -10.66 -8.13 -15.02
C GLU A 282 -11.45 -9.42 -15.14
N GLY A 283 -10.81 -10.48 -15.64
CA GLY A 283 -11.46 -11.76 -15.77
C GLY A 283 -11.97 -12.27 -14.43
N TRP A 284 -11.38 -11.80 -13.34
CA TRP A 284 -11.78 -12.20 -12.00
C TRP A 284 -12.76 -11.19 -11.39
N GLY A 285 -13.28 -10.30 -12.23
CA GLY A 285 -14.23 -9.30 -11.77
C GLY A 285 -13.57 -8.06 -11.17
N PHE A 286 -12.29 -7.88 -11.42
CA PHE A 286 -11.57 -6.72 -10.89
C PHE A 286 -11.81 -5.47 -11.74
N MET A 287 -11.47 -4.31 -11.19
CA MET A 287 -11.63 -3.04 -11.89
C MET A 287 -10.59 -2.95 -13.01
N PRO A 288 -10.71 -1.95 -13.89
CA PRO A 288 -9.75 -1.79 -14.99
C PRO A 288 -8.35 -1.67 -14.41
N SER A 289 -7.38 -2.31 -15.06
CA SER A 289 -6.00 -2.28 -14.62
C SER A 289 -5.47 -0.85 -14.44
N ASP A 290 -5.87 0.06 -15.33
CA ASP A 290 -5.40 1.44 -15.26
C ASP A 290 -6.03 2.29 -14.15
N ARG A 291 -6.90 1.70 -13.35
CA ARG A 291 -7.52 2.43 -12.24
C ARG A 291 -7.21 1.74 -10.92
N ALA A 292 -6.58 0.57 -11.00
CA ALA A 292 -6.28 -0.20 -9.80
C ALA A 292 -4.96 0.06 -9.10
N LEU A 293 -5.04 0.14 -7.77
CA LEU A 293 -3.88 0.29 -6.93
C LEU A 293 -3.96 -1.08 -6.24
N VAL A 294 -3.01 -1.95 -6.52
CA VAL A 294 -3.05 -3.29 -5.95
C VAL A 294 -2.01 -3.55 -4.88
N PHE A 295 -2.28 -4.58 -4.08
CA PHE A 295 -1.41 -4.97 -2.98
C PHE A 295 -1.88 -6.32 -2.45
N VAL A 296 -0.98 -7.02 -1.77
CA VAL A 296 -1.32 -8.32 -1.20
C VAL A 296 -2.04 -8.08 0.14
N ASP A 297 -1.47 -7.20 0.95
CA ASP A 297 -2.06 -6.83 2.24
C ASP A 297 -1.83 -5.35 2.46
N ASN A 298 -2.57 -4.74 3.37
CA ASN A 298 -2.37 -3.33 3.69
C ASN A 298 -2.32 -3.20 5.21
N HIS A 299 -2.11 -1.99 5.73
CA HIS A 299 -2.00 -1.83 7.18
C HIS A 299 -3.23 -2.29 7.96
N ASP A 300 -4.39 -2.25 7.32
CA ASP A 300 -5.62 -2.69 7.98
C ASP A 300 -5.80 -4.20 8.01
N ASN A 301 -5.91 -4.83 6.85
CA ASN A 301 -6.16 -6.26 6.82
C ASN A 301 -5.02 -7.19 7.20
N GLN A 302 -3.81 -6.67 7.39
CA GLN A 302 -2.73 -7.56 7.79
C GLN A 302 -2.92 -7.86 9.28
N ARG A 303 -3.81 -7.09 9.91
CA ARG A 303 -4.12 -7.26 11.33
C ARG A 303 -5.60 -7.42 11.63
N GLY A 304 -6.38 -7.90 10.66
CA GLY A 304 -7.79 -8.12 10.88
C GLY A 304 -8.72 -6.92 10.83
N HIS A 305 -8.20 -5.76 10.47
CA HIS A 305 -9.04 -4.57 10.37
C HIS A 305 -9.53 -4.42 8.92
N GLY A 306 -10.56 -3.62 8.72
CA GLY A 306 -11.09 -3.41 7.37
C GLY A 306 -11.71 -4.64 6.76
N ALA A 307 -11.23 -5.03 5.58
CA ALA A 307 -11.75 -6.20 4.88
C ALA A 307 -10.67 -6.95 4.09
N GLY A 308 -11.01 -8.17 3.67
CA GLY A 308 -10.09 -9.00 2.93
C GLY A 308 -10.21 -10.42 3.44
N GLY A 309 -10.57 -10.54 4.71
CA GLY A 309 -10.76 -11.84 5.32
C GLY A 309 -9.55 -12.51 5.95
N ALA A 310 -9.78 -13.72 6.45
CA ALA A 310 -8.75 -14.52 7.08
C ALA A 310 -7.77 -15.05 6.03
N SER A 311 -8.12 -14.88 4.76
CA SER A 311 -7.30 -15.34 3.64
C SER A 311 -6.05 -14.47 3.38
N ILE A 312 -6.08 -13.24 3.86
CA ILE A 312 -4.98 -12.30 3.63
C ILE A 312 -3.60 -12.82 4.03
N LEU A 313 -2.66 -12.68 3.11
CA LEU A 313 -1.29 -13.10 3.33
C LEU A 313 -0.47 -11.92 3.85
N THR A 314 0.37 -12.18 4.84
CA THR A 314 1.22 -11.15 5.44
C THR A 314 2.61 -11.72 5.71
N PHE A 315 3.49 -10.88 6.23
CA PHE A 315 4.86 -11.31 6.54
C PHE A 315 4.86 -12.46 7.54
N TRP A 316 3.76 -12.62 8.29
CA TRP A 316 3.65 -13.71 9.26
C TRP A 316 3.65 -15.04 8.53
N ASP A 317 3.18 -15.02 7.28
CA ASP A 317 3.14 -16.21 6.44
C ASP A 317 4.19 -16.01 5.35
N ALA A 318 5.40 -15.69 5.81
CA ALA A 318 6.55 -15.41 4.96
C ALA A 318 6.73 -16.17 3.65
N ARG A 319 6.79 -17.50 3.70
CA ARG A 319 7.00 -18.27 2.48
C ARG A 319 5.93 -18.03 1.42
N LEU A 320 4.66 -18.18 1.79
CA LEU A 320 3.57 -17.96 0.85
C LEU A 320 3.45 -16.48 0.49
N TYR A 321 3.77 -15.61 1.44
CA TYR A 321 3.69 -14.17 1.23
C TYR A 321 4.63 -13.72 0.11
N LYS A 322 5.87 -14.19 0.15
CA LYS A 322 6.86 -13.83 -0.86
C LYS A 322 6.39 -14.26 -2.25
N MET A 323 5.69 -15.39 -2.31
CA MET A 323 5.20 -15.87 -3.60
C MET A 323 4.05 -15.01 -4.11
N ALA A 324 3.16 -14.61 -3.20
CA ALA A 324 2.02 -13.77 -3.56
C ALA A 324 2.54 -12.42 -4.06
N VAL A 325 3.49 -11.86 -3.32
CA VAL A 325 4.07 -10.58 -3.69
C VAL A 325 4.83 -10.73 -5.01
N GLY A 326 5.43 -11.89 -5.22
CA GLY A 326 6.16 -12.14 -6.46
C GLY A 326 5.23 -12.22 -7.65
N PHE A 327 4.12 -12.93 -7.50
CA PHE A 327 3.15 -13.05 -8.58
C PHE A 327 2.63 -11.65 -8.92
N MET A 328 2.27 -10.89 -7.89
CA MET A 328 1.75 -9.54 -8.09
C MET A 328 2.74 -8.65 -8.85
N LEU A 329 4.00 -8.66 -8.44
CA LEU A 329 5.00 -7.82 -9.08
C LEU A 329 5.38 -8.26 -10.50
N ALA A 330 5.15 -9.52 -10.83
CA ALA A 330 5.45 -10.01 -12.17
C ALA A 330 4.28 -9.77 -13.12
N HIS A 331 3.06 -9.84 -12.60
CA HIS A 331 1.86 -9.65 -13.43
C HIS A 331 1.60 -8.18 -13.76
N PRO A 332 1.26 -7.88 -15.02
CA PRO A 332 0.99 -6.51 -15.49
C PRO A 332 -0.18 -5.76 -14.89
N TYR A 333 -1.11 -6.46 -14.25
CA TYR A 333 -2.28 -5.80 -13.69
C TYR A 333 -2.04 -4.79 -12.57
N GLY A 334 -2.64 -3.60 -12.75
CA GLY A 334 -2.58 -2.54 -11.77
C GLY A 334 -1.25 -1.91 -11.41
N PHE A 335 -1.30 -0.96 -10.48
CA PHE A 335 -0.10 -0.30 -9.99
C PHE A 335 0.16 -0.88 -8.61
N THR A 336 1.35 -1.44 -8.44
CA THR A 336 1.74 -2.13 -7.21
C THR A 336 2.26 -1.37 -6.01
N ARG A 337 1.71 -1.70 -4.84
CA ARG A 337 2.12 -1.12 -3.58
C ARG A 337 2.61 -2.23 -2.67
N VAL A 338 3.84 -2.10 -2.21
CA VAL A 338 4.42 -3.10 -1.32
C VAL A 338 4.29 -2.64 0.12
N MET A 339 3.93 -3.56 0.99
CA MET A 339 3.77 -3.27 2.40
C MET A 339 5.06 -3.48 3.19
N SER A 340 5.34 -2.56 4.11
CA SER A 340 6.52 -2.69 4.96
C SER A 340 5.95 -2.48 6.35
N SER A 341 6.07 -3.51 7.18
CA SER A 341 5.47 -3.49 8.51
C SER A 341 6.40 -3.60 9.70
N TYR A 342 5.75 -3.63 10.87
CA TYR A 342 6.46 -3.81 12.12
C TYR A 342 5.81 -5.01 12.81
N ARG A 343 6.64 -5.72 13.55
CA ARG A 343 6.24 -6.91 14.27
C ARG A 343 5.56 -6.49 15.56
N TRP A 344 4.44 -7.13 15.89
CA TRP A 344 3.75 -6.82 17.13
C TRP A 344 3.41 -8.16 17.78
N PRO A 345 3.20 -8.17 19.11
CA PRO A 345 2.86 -9.42 19.80
C PRO A 345 1.47 -9.92 19.45
N ARG A 346 1.32 -10.44 18.24
CA ARG A 346 0.04 -10.97 17.79
C ARG A 346 -0.38 -12.08 18.76
N GLN A 347 -1.60 -11.99 19.26
CA GLN A 347 -2.10 -12.97 20.22
C GLN A 347 -3.54 -13.38 19.89
N PHE A 348 -3.69 -14.58 19.33
CA PHE A 348 -5.00 -15.09 18.95
C PHE A 348 -5.79 -15.73 20.08
N GLN A 349 -7.03 -15.27 20.23
CA GLN A 349 -7.95 -15.78 21.25
C GLN A 349 -9.28 -15.97 20.51
N ASN A 350 -9.72 -17.22 20.41
CA ASN A 350 -10.96 -17.54 19.72
C ASN A 350 -10.93 -17.10 18.26
N GLY A 351 -9.77 -17.22 17.63
CA GLY A 351 -9.63 -16.85 16.24
C GLY A 351 -9.34 -15.39 15.93
N ASN A 352 -9.26 -14.55 16.97
CA ASN A 352 -8.98 -13.15 16.73
C ASN A 352 -7.79 -12.64 17.53
N ASP A 353 -7.06 -11.71 16.93
CA ASP A 353 -5.87 -11.12 17.55
C ASP A 353 -6.23 -10.00 18.50
N VAL A 354 -6.11 -10.24 19.80
CA VAL A 354 -6.45 -9.23 20.80
C VAL A 354 -5.46 -8.07 20.84
N ASN A 355 -4.32 -8.21 20.19
CA ASN A 355 -3.33 -7.13 20.16
C ASN A 355 -3.28 -6.47 18.79
N ASP A 356 -4.41 -6.47 18.08
CA ASP A 356 -4.47 -5.87 16.75
C ASP A 356 -4.41 -4.34 16.80
N TRP A 357 -4.38 -3.79 18.02
CA TRP A 357 -4.33 -2.34 18.21
C TRP A 357 -2.92 -1.82 18.43
N VAL A 358 -2.01 -2.70 18.83
CA VAL A 358 -0.65 -2.30 19.13
C VAL A 358 0.04 -1.42 18.11
N GLY A 359 0.57 -0.30 18.61
CA GLY A 359 1.26 0.66 17.77
C GLY A 359 2.66 0.21 17.39
N PRO A 360 3.40 1.05 16.64
CA PRO A 360 4.76 0.73 16.20
C PRO A 360 5.76 0.61 17.35
N PRO A 361 6.92 -0.04 17.09
CA PRO A 361 7.97 -0.22 18.10
C PRO A 361 8.21 1.12 18.77
N ASN A 362 8.24 1.14 20.09
CA ASN A 362 8.42 2.40 20.79
C ASN A 362 9.03 2.24 22.17
N ASN A 363 9.61 3.32 22.66
CA ASN A 363 10.18 3.37 23.99
C ASN A 363 9.36 4.43 24.70
N ASN A 364 8.46 3.99 25.56
CA ASN A 364 7.60 4.91 26.30
C ASN A 364 6.80 5.83 25.37
N GLY A 365 6.39 5.31 24.22
CA GLY A 365 5.61 6.11 23.30
C GLY A 365 6.39 6.72 22.15
N VAL A 366 7.71 6.79 22.28
CA VAL A 366 8.54 7.36 21.23
C VAL A 366 8.90 6.27 20.23
N ILE A 367 8.42 6.42 19.00
CA ILE A 367 8.70 5.43 17.96
C ILE A 367 10.19 5.21 17.84
N LYS A 368 10.59 3.94 17.73
CA LYS A 368 12.00 3.59 17.62
C LYS A 368 12.51 3.82 16.23
N GLU A 369 13.78 4.20 16.12
CA GLU A 369 14.35 4.41 14.81
C GLU A 369 14.49 3.05 14.14
N VAL A 370 14.70 3.07 12.84
CA VAL A 370 14.88 1.86 12.07
C VAL A 370 16.37 1.63 11.95
N THR A 371 16.84 0.54 12.55
CA THR A 371 18.26 0.23 12.50
C THR A 371 18.49 -0.75 11.35
N ILE A 372 19.58 -0.55 10.63
CA ILE A 372 19.89 -1.43 9.51
C ILE A 372 21.01 -2.40 9.90
N ASN A 373 20.77 -3.68 9.69
CA ASN A 373 21.76 -4.70 10.03
C ASN A 373 22.71 -4.92 8.87
N PRO A 374 23.86 -5.58 9.13
CA PRO A 374 24.82 -5.84 8.06
C PRO A 374 24.29 -6.71 6.92
N ASP A 375 23.32 -7.57 7.19
CA ASP A 375 22.76 -8.42 6.12
C ASP A 375 21.62 -7.70 5.38
N THR A 376 21.48 -6.41 5.67
CA THR A 376 20.50 -5.49 5.10
C THR A 376 19.07 -5.58 5.67
N THR A 377 18.85 -6.47 6.63
CA THR A 377 17.53 -6.57 7.25
C THR A 377 17.44 -5.43 8.25
N CYS A 378 16.31 -5.30 8.93
CA CYS A 378 16.15 -4.24 9.93
C CYS A 378 16.02 -4.78 11.34
N GLY A 379 16.36 -3.93 12.30
CA GLY A 379 16.25 -4.30 13.70
C GLY A 379 15.10 -3.53 14.32
N ASN A 380 15.09 -3.47 15.65
CA ASN A 380 14.04 -2.78 16.41
C ASN A 380 12.62 -3.19 16.08
N ASP A 381 12.49 -4.42 15.58
CA ASP A 381 11.19 -5.00 15.24
C ASP A 381 10.51 -4.53 13.96
N TRP A 382 11.25 -3.83 13.11
CA TRP A 382 10.67 -3.40 11.85
C TRP A 382 10.90 -4.60 10.95
N VAL A 383 9.86 -5.07 10.29
CA VAL A 383 9.97 -6.23 9.41
C VAL A 383 10.74 -5.92 8.12
N CYS A 384 10.51 -4.73 7.57
CA CYS A 384 11.18 -4.32 6.34
C CYS A 384 11.06 -5.34 5.21
N GLU A 385 9.83 -5.71 4.86
CA GLU A 385 9.62 -6.67 3.79
C GLU A 385 10.22 -6.17 2.49
N HIS A 386 10.20 -4.85 2.30
CA HIS A 386 10.75 -4.27 1.07
C HIS A 386 12.25 -4.51 0.95
N ARG A 387 12.85 -5.04 2.02
CA ARG A 387 14.27 -5.34 2.02
C ARG A 387 14.56 -6.83 1.87
N TRP A 388 13.52 -7.65 1.82
CA TRP A 388 13.70 -9.09 1.63
C TRP A 388 14.21 -9.23 0.20
N ARG A 389 15.25 -10.04 0.00
CA ARG A 389 15.81 -10.21 -1.34
C ARG A 389 14.76 -10.61 -2.37
N GLN A 390 13.90 -11.54 -2.01
CA GLN A 390 12.85 -12.05 -2.90
C GLN A 390 11.86 -10.98 -3.34
N ILE A 391 11.62 -9.99 -2.48
CA ILE A 391 10.68 -8.93 -2.80
C ILE A 391 11.43 -7.80 -3.50
N ARG A 392 12.56 -7.41 -2.93
CA ARG A 392 13.35 -6.34 -3.52
C ARG A 392 13.71 -6.66 -4.98
N ASN A 393 14.09 -7.90 -5.25
CA ASN A 393 14.44 -8.24 -6.63
C ASN A 393 13.24 -8.32 -7.55
N MET A 394 12.05 -8.55 -6.98
CA MET A 394 10.86 -8.61 -7.81
C MET A 394 10.38 -7.18 -8.10
N VAL A 395 10.78 -6.25 -7.24
CA VAL A 395 10.45 -4.84 -7.45
C VAL A 395 11.25 -4.41 -8.68
N ILE A 396 12.49 -4.86 -8.78
CA ILE A 396 13.33 -4.52 -9.92
C ILE A 396 12.84 -5.29 -11.15
N PHE A 397 12.33 -6.50 -10.95
CA PHE A 397 11.78 -7.33 -12.03
C PHE A 397 10.69 -6.54 -12.76
N ARG A 398 9.75 -5.99 -11.99
CA ARG A 398 8.64 -5.23 -12.55
C ARG A 398 9.14 -4.03 -13.35
N ASN A 399 10.17 -3.37 -12.85
CA ASN A 399 10.76 -2.23 -13.55
C ASN A 399 11.36 -2.67 -14.88
N VAL A 400 12.13 -3.75 -14.83
CA VAL A 400 12.79 -4.30 -16.01
C VAL A 400 11.83 -4.72 -17.13
N VAL A 401 10.72 -5.35 -16.75
CA VAL A 401 9.75 -5.83 -17.73
C VAL A 401 8.63 -4.83 -18.01
N ASP A 402 8.75 -3.63 -17.48
CA ASP A 402 7.72 -2.62 -17.66
C ASP A 402 7.29 -2.46 -19.12
N GLY A 403 5.98 -2.51 -19.35
CA GLY A 403 5.45 -2.36 -20.70
C GLY A 403 5.34 -3.63 -21.52
N GLN A 404 6.01 -4.69 -21.11
CA GLN A 404 5.97 -5.97 -21.83
C GLN A 404 4.66 -6.71 -21.59
N PRO A 405 4.16 -7.41 -22.62
CA PRO A 405 2.90 -8.16 -22.50
C PRO A 405 2.97 -9.45 -21.70
N PHE A 406 1.83 -9.83 -21.15
CA PHE A 406 1.68 -11.07 -20.40
C PHE A 406 1.69 -12.14 -21.50
N THR A 407 2.58 -13.12 -21.40
CA THR A 407 2.65 -14.14 -22.44
C THR A 407 3.33 -15.42 -21.97
N ASN A 408 3.29 -16.44 -22.84
CA ASN A 408 3.91 -17.72 -22.54
C ASN A 408 3.45 -18.35 -21.23
N TRP A 409 2.15 -18.34 -20.99
CA TRP A 409 1.58 -18.92 -19.79
C TRP A 409 1.58 -20.45 -19.84
N TYR A 410 1.90 -21.06 -18.71
CA TYR A 410 1.90 -22.51 -18.59
C TYR A 410 1.30 -22.88 -17.24
N ASP A 411 0.62 -24.01 -17.19
CA ASP A 411 0.06 -24.52 -15.94
C ASP A 411 -0.15 -26.02 -16.09
N ASN A 412 -0.07 -26.72 -14.97
CA ASN A 412 -0.23 -28.18 -14.94
C ASN A 412 -1.65 -28.56 -14.54
N GLY A 413 -2.57 -27.60 -14.58
CA GLY A 413 -3.93 -27.88 -14.20
C GLY A 413 -4.10 -27.92 -12.69
N SER A 414 -3.02 -27.62 -11.96
CA SER A 414 -3.07 -27.62 -10.51
C SER A 414 -2.46 -26.35 -9.95
N ASN A 415 -1.27 -26.44 -9.34
CA ASN A 415 -0.63 -25.26 -8.78
C ASN A 415 0.79 -24.96 -9.27
N GLN A 416 1.15 -25.55 -10.41
CA GLN A 416 2.47 -25.28 -10.99
C GLN A 416 2.20 -24.46 -12.25
N VAL A 417 2.55 -23.18 -12.19
CA VAL A 417 2.31 -22.27 -13.30
C VAL A 417 3.54 -21.44 -13.61
N ALA A 418 3.50 -20.75 -14.75
CA ALA A 418 4.59 -19.90 -15.17
C ALA A 418 4.11 -18.99 -16.27
N PHE A 419 4.81 -17.88 -16.46
CA PHE A 419 4.46 -16.96 -17.52
C PHE A 419 5.59 -15.97 -17.73
N GLY A 420 5.57 -15.29 -18.86
CA GLY A 420 6.61 -14.33 -19.14
C GLY A 420 6.06 -12.94 -19.41
N ARG A 421 6.97 -11.99 -19.47
CA ARG A 421 6.61 -10.62 -19.75
C ARG A 421 7.43 -10.29 -21.00
N GLY A 422 6.81 -10.41 -22.16
CA GLY A 422 7.51 -10.15 -23.40
C GLY A 422 8.78 -10.98 -23.44
N ASN A 423 9.87 -10.39 -23.91
CA ASN A 423 11.15 -11.09 -23.99
C ASN A 423 12.07 -10.54 -22.93
N ARG A 424 11.50 -9.99 -21.86
CA ARG A 424 12.28 -9.39 -20.79
C ARG A 424 12.31 -10.11 -19.45
N GLY A 425 11.32 -10.96 -19.20
CA GLY A 425 11.29 -11.68 -17.94
C GLY A 425 10.43 -12.92 -17.98
N PHE A 426 10.67 -13.83 -17.05
CA PHE A 426 9.91 -15.07 -16.98
C PHE A 426 9.90 -15.52 -15.53
N ILE A 427 8.77 -16.04 -15.07
CA ILE A 427 8.65 -16.47 -13.69
C ILE A 427 7.91 -17.80 -13.58
N VAL A 428 8.36 -18.65 -12.65
CA VAL A 428 7.80 -19.98 -12.47
C VAL A 428 7.40 -20.22 -11.02
N PHE A 429 6.21 -20.78 -10.82
CA PHE A 429 5.70 -21.04 -9.48
C PHE A 429 5.31 -22.50 -9.25
N ASN A 430 5.61 -23.00 -8.06
CA ASN A 430 5.21 -24.35 -7.70
C ASN A 430 4.53 -24.34 -6.35
N ASN A 431 3.21 -24.39 -6.34
CA ASN A 431 2.49 -24.41 -5.08
C ASN A 431 1.75 -25.73 -4.89
N ASP A 432 2.25 -26.78 -5.55
CA ASP A 432 1.70 -28.13 -5.42
C ASP A 432 2.57 -28.87 -4.41
N ASP A 433 2.08 -29.98 -3.88
CA ASP A 433 2.87 -30.75 -2.91
C ASP A 433 3.76 -31.80 -3.54
N TRP A 434 4.35 -31.47 -4.69
CA TRP A 434 5.26 -32.36 -5.38
C TRP A 434 6.18 -31.52 -6.26
N SER A 435 7.27 -32.11 -6.75
CA SER A 435 8.22 -31.37 -7.56
C SER A 435 7.75 -30.91 -8.93
N PHE A 436 8.24 -29.73 -9.32
CA PHE A 436 7.94 -29.11 -10.60
C PHE A 436 9.28 -29.13 -11.34
N SER A 437 9.41 -30.08 -12.27
CA SER A 437 10.63 -30.24 -13.07
C SER A 437 10.19 -30.37 -14.51
N LEU A 438 10.41 -29.31 -15.30
CA LEU A 438 9.97 -29.32 -16.69
C LEU A 438 10.66 -28.25 -17.54
N THR A 439 10.72 -28.49 -18.84
CA THR A 439 11.32 -27.53 -19.76
C THR A 439 10.20 -26.65 -20.28
N LEU A 440 10.36 -25.34 -20.11
CA LEU A 440 9.35 -24.38 -20.53
C LEU A 440 9.86 -23.36 -21.54
N GLN A 441 8.94 -22.82 -22.32
CA GLN A 441 9.26 -21.79 -23.32
C GLN A 441 9.25 -20.49 -22.52
N THR A 442 10.38 -19.79 -22.51
CA THR A 442 10.51 -18.56 -21.74
C THR A 442 10.32 -17.25 -22.50
N GLY A 443 10.44 -17.30 -23.82
CA GLY A 443 10.32 -16.09 -24.61
C GLY A 443 11.55 -15.21 -24.48
N LEU A 444 12.57 -15.71 -23.79
CA LEU A 444 13.82 -14.99 -23.55
C LEU A 444 14.97 -15.31 -24.50
N PRO A 445 15.92 -14.38 -24.65
CA PRO A 445 17.08 -14.58 -25.53
C PRO A 445 17.96 -15.65 -24.87
N ALA A 446 18.57 -16.50 -25.70
CA ALA A 446 19.42 -17.57 -25.19
C ALA A 446 20.49 -17.01 -24.25
N GLY A 447 20.88 -17.82 -23.27
CA GLY A 447 21.90 -17.38 -22.33
C GLY A 447 21.72 -17.98 -20.94
N THR A 448 22.57 -17.53 -20.02
CA THR A 448 22.53 -17.99 -18.64
C THR A 448 21.94 -16.88 -17.79
N TYR A 449 20.88 -17.19 -17.05
CA TYR A 449 20.21 -16.20 -16.21
C TYR A 449 20.26 -16.52 -14.72
N CYS A 450 20.50 -15.50 -13.92
CA CYS A 450 20.51 -15.67 -12.48
C CYS A 450 19.07 -15.64 -11.95
N ASP A 451 18.70 -16.61 -11.13
CA ASP A 451 17.37 -16.61 -10.52
C ASP A 451 17.46 -15.53 -9.46
N VAL A 452 16.62 -14.51 -9.55
CA VAL A 452 16.69 -13.41 -8.59
C VAL A 452 15.95 -13.65 -7.27
N ILE A 453 15.37 -14.83 -7.13
CA ILE A 453 14.66 -15.16 -5.90
C ILE A 453 15.62 -15.83 -4.92
N SER A 454 16.32 -16.86 -5.39
CA SER A 454 17.27 -17.57 -4.54
C SER A 454 18.62 -16.86 -4.44
N GLY A 455 18.85 -15.88 -5.31
CA GLY A 455 20.13 -15.17 -5.28
C GLY A 455 20.14 -13.80 -5.92
N ASP A 456 21.30 -13.43 -6.46
CA ASP A 456 21.51 -12.14 -7.12
C ASP A 456 22.60 -12.27 -8.17
N LYS A 457 22.61 -11.34 -9.13
CA LYS A 457 23.66 -11.31 -10.14
C LYS A 457 24.68 -10.36 -9.54
N ILE A 458 25.84 -10.88 -9.17
CA ILE A 458 26.86 -10.04 -8.57
C ILE A 458 28.24 -10.29 -9.18
N ASN A 459 28.86 -9.22 -9.66
CA ASN A 459 30.18 -9.29 -10.25
C ASN A 459 30.26 -10.33 -11.37
N GLY A 460 29.27 -10.30 -12.27
CA GLY A 460 29.25 -11.23 -13.38
C GLY A 460 28.94 -12.67 -13.06
N ASN A 461 28.43 -12.94 -11.86
CA ASN A 461 28.10 -14.30 -11.45
C ASN A 461 26.79 -14.35 -10.67
N CYS A 462 26.20 -15.54 -10.59
CA CYS A 462 24.96 -15.76 -9.88
C CYS A 462 25.27 -16.34 -8.50
N THR A 463 24.56 -15.88 -7.48
CA THR A 463 24.80 -16.39 -6.13
C THR A 463 23.81 -17.50 -5.79
N GLY A 464 22.79 -17.66 -6.63
CA GLY A 464 21.81 -18.71 -6.39
C GLY A 464 21.65 -19.61 -7.59
N ILE A 465 20.41 -20.03 -7.82
CA ILE A 465 20.11 -20.90 -8.96
C ILE A 465 20.43 -20.20 -10.27
N LYS A 466 20.87 -20.99 -11.25
CA LYS A 466 21.19 -20.49 -12.58
C LYS A 466 20.27 -21.20 -13.56
N ILE A 467 19.71 -20.45 -14.50
CA ILE A 467 18.81 -21.01 -15.51
C ILE A 467 19.46 -20.83 -16.87
N TYR A 468 19.42 -21.87 -17.70
CA TYR A 468 20.01 -21.81 -19.03
C TYR A 468 18.97 -21.85 -20.12
N VAL A 469 18.85 -20.75 -20.85
CA VAL A 469 17.90 -20.66 -21.94
C VAL A 469 18.64 -20.96 -23.23
N SER A 470 18.09 -21.87 -24.04
CA SER A 470 18.72 -22.24 -25.29
C SER A 470 18.19 -21.40 -26.45
N ASP A 471 18.72 -21.66 -27.64
CA ASP A 471 18.32 -20.94 -28.85
C ASP A 471 16.84 -20.91 -29.19
N ASP A 472 16.09 -21.87 -28.66
CA ASP A 472 14.65 -21.96 -28.91
C ASP A 472 13.84 -21.21 -27.86
N GLY A 473 14.54 -20.63 -26.89
CA GLY A 473 13.87 -19.89 -25.84
C GLY A 473 13.44 -20.77 -24.68
N LYS A 474 13.71 -22.07 -24.78
CA LYS A 474 13.32 -22.99 -23.73
C LYS A 474 14.38 -23.14 -22.65
N ALA A 475 13.94 -23.49 -21.46
CA ALA A 475 14.85 -23.67 -20.35
C ALA A 475 14.22 -24.62 -19.35
N HIS A 476 15.06 -25.38 -18.68
CA HIS A 476 14.58 -26.33 -17.71
C HIS A 476 14.49 -25.72 -16.33
N PHE A 477 13.35 -25.94 -15.67
CA PHE A 477 13.14 -25.43 -14.33
C PHE A 477 12.87 -26.55 -13.35
N SER A 478 13.51 -26.49 -12.19
CA SER A 478 13.32 -27.50 -11.16
C SER A 478 13.02 -26.84 -9.82
N ILE A 479 11.81 -27.05 -9.34
CA ILE A 479 11.40 -26.47 -8.07
C ILE A 479 10.74 -27.51 -7.18
N SER A 480 11.45 -27.93 -6.15
CA SER A 480 10.92 -28.91 -5.24
C SER A 480 9.90 -28.20 -4.35
N ASN A 481 8.90 -28.94 -3.90
CA ASN A 481 7.88 -28.36 -3.04
C ASN A 481 8.48 -28.08 -1.66
N SER A 482 9.70 -28.52 -1.42
CA SER A 482 10.35 -28.30 -0.13
C SER A 482 11.29 -27.09 -0.21
N ALA A 483 11.38 -26.49 -1.40
CA ALA A 483 12.25 -25.34 -1.61
C ALA A 483 11.95 -24.17 -0.66
N GLU A 484 13.00 -23.48 -0.23
CA GLU A 484 12.87 -22.33 0.68
C GLU A 484 11.86 -21.37 0.09
N ASP A 485 12.07 -21.04 -1.19
CA ASP A 485 11.18 -20.15 -1.93
C ASP A 485 10.79 -20.99 -3.14
N PRO A 486 9.52 -21.43 -3.20
CA PRO A 486 9.10 -22.24 -4.34
C PRO A 486 8.75 -21.52 -5.63
N PHE A 487 9.58 -20.55 -6.01
CA PHE A 487 9.37 -19.85 -7.26
C PHE A 487 10.70 -19.30 -7.75
N ILE A 488 10.84 -19.26 -9.07
CA ILE A 488 12.06 -18.78 -9.72
C ILE A 488 11.70 -17.65 -10.67
N ALA A 489 12.53 -16.62 -10.73
CA ALA A 489 12.28 -15.50 -11.60
C ALA A 489 13.58 -15.03 -12.23
N ILE A 490 13.55 -14.83 -13.54
CA ILE A 490 14.73 -14.38 -14.27
C ILE A 490 14.30 -13.26 -15.21
N HIS A 491 15.21 -12.35 -15.50
CA HIS A 491 14.89 -11.24 -16.39
C HIS A 491 16.11 -10.70 -17.11
N ALA A 492 15.87 -9.82 -18.07
CA ALA A 492 16.92 -9.23 -18.88
C ALA A 492 18.16 -8.76 -18.11
N GLU A 493 17.97 -8.16 -16.95
CA GLU A 493 19.12 -7.67 -16.21
C GLU A 493 19.79 -8.66 -15.25
N SER A 494 19.29 -9.90 -15.21
CA SER A 494 19.92 -10.91 -14.35
C SER A 494 20.69 -11.87 -15.27
N LYS A 495 20.72 -11.55 -16.56
CA LYS A 495 21.41 -12.36 -17.56
C LYS A 495 22.91 -12.14 -17.42
N LEU A 496 23.68 -13.22 -17.53
CA LEU A 496 25.13 -13.14 -17.41
C LEU A 496 25.77 -12.73 -18.73
C1 GLC B . -8.75 2.81 11.90
C2 GLC B . -9.17 1.55 12.62
C3 GLC B . -10.40 1.75 13.50
C4 GLC B . -10.22 2.98 14.34
C5 GLC B . -9.94 4.20 13.47
C6 GLC B . -9.86 5.52 14.23
O2 GLC B . -9.43 0.52 11.69
O3 GLC B . -10.63 0.62 14.34
O4 GLC B . -11.38 3.21 15.15
O5 GLC B . -8.70 3.98 12.75
O6 GLC B . -8.93 5.47 15.28
C1 GLC B . -11.07 3.44 16.48
C2 GLC B . -11.65 2.33 17.34
C3 GLC B . -13.17 2.43 17.38
C4 GLC B . -13.59 3.87 17.73
C5 GLC B . -12.95 4.86 16.78
C6 GLC B . -13.30 6.30 17.07
O2 GLC B . -11.26 1.08 16.81
O3 GLC B . -13.67 1.54 18.34
O4 GLC B . -15.00 3.97 17.65
O5 GLC B . -11.53 4.73 16.87
O6 GLC B . -13.36 6.51 18.47
C1 GLC C . -17.18 -8.66 3.97
C2 GLC C . -17.62 -7.58 2.97
C3 GLC C . -16.81 -6.32 3.21
C4 GLC C . -16.99 -5.90 4.64
C5 GLC C . -16.57 -7.02 5.62
C6 GLC C . -16.80 -6.67 7.08
O1 GLC C . -15.84 -8.96 3.79
O2 GLC C . -17.36 -8.00 1.65
O3 GLC C . -17.23 -5.27 2.36
O4 GLC C . -16.33 -4.67 4.89
O5 GLC C . -17.36 -8.20 5.33
O6 GLC C . -15.64 -6.05 7.62
C1 GLC C . -17.22 -3.72 5.38
C2 GLC C . -17.28 -2.50 4.48
C3 GLC C . -16.01 -1.56 4.65
C4 GLC C . -15.67 -1.32 6.14
C5 GLC C . -15.57 -2.73 6.76
C6 GLC C . -15.14 -2.83 8.20
O2 GLC C . -17.46 -2.80 3.11
O3 GLC C . -16.23 -0.35 3.95
O4 GLC C . -14.37 -0.69 6.22
O5 GLC C . -16.86 -3.40 6.69
O6 GLC C . -15.80 -1.88 8.98
C1 G6D C . -14.35 0.54 6.97
O2 G6D C . -14.89 1.62 4.88
C2 G6D C . -14.12 1.77 6.08
C3 G6D C . -12.65 1.93 5.68
O3 G6D C . -12.44 3.19 5.02
C4 G6D C . -11.70 1.78 6.85
C5 G6D C . -12.00 0.41 7.47
O5 G6D C . -13.34 0.48 8.00
C6 G6D C . -11.05 -0.07 8.56
C1 GLC D . -19.28 30.50 6.20
C2 GLC D . -18.87 29.03 6.37
C3 GLC D . -18.36 28.77 7.78
C4 GLC D . -17.22 29.74 8.09
C5 GLC D . -17.71 31.19 7.88
C6 GLC D . -16.61 32.22 8.12
O1 GLC D . -20.32 30.79 7.07
O2 GLC D . -20.00 28.19 6.10
O3 GLC D . -17.90 27.44 7.89
O4 GLC D . -16.78 29.55 9.44
O5 GLC D . -18.17 31.35 6.53
O6 GLC D . -15.54 32.06 7.21
C1 GLC D . -15.53 28.95 9.57
C2 GLC D . -15.57 27.81 10.59
C3 GLC D . -15.71 28.34 12.02
C4 GLC D . -14.67 29.42 12.30
C5 GLC D . -14.80 30.52 11.25
C6 GLC D . -13.85 31.67 11.42
O2 GLC D . -16.67 26.96 10.31
O3 GLC D . -15.54 27.27 12.94
O4 GLC D . -14.87 29.96 13.61
O5 GLC D . -14.56 29.96 9.93
O6 GLC D . -12.49 31.25 11.37
C1 GLC D . -13.75 30.02 14.43
C2 GLC D . -13.89 29.03 15.59
C3 GLC D . -15.06 29.43 16.50
C4 GLC D . -14.93 30.89 16.93
C5 GLC D . -14.76 31.78 15.70
C6 GLC D . -14.53 33.24 16.06
O2 GLC D . -14.11 27.72 15.09
O3 GLC D . -15.08 28.59 17.65
O4 GLC D . -16.08 31.29 17.65
O5 GLC D . -13.62 31.36 14.93
O6 GLC D . -14.47 34.05 14.89
C2 BGC E . 10.86 -18.28 8.02
C3 BGC E . 11.69 -17.21 7.31
C4 BGC E . 11.17 -15.79 7.69
C5 BGC E . 10.90 -15.64 9.23
C6 BGC E . 9.91 -14.52 9.54
C1 BGC E . 11.10 -18.00 9.48
O1 BGC E . 10.70 -19.07 10.26
O2 BGC E . 11.28 -19.59 7.66
O3 BGC E . 11.63 -17.41 5.91
O4 BGC E . 12.17 -14.80 7.31
O5 BGC E . 10.36 -16.84 9.83
O6 BGC E . 10.55 -13.43 10.18
C1 GLC E . 11.74 -13.74 6.52
C2 GLC E . 11.75 -14.12 5.03
C3 GLC E . 13.19 -14.23 4.53
C4 GLC E . 13.87 -12.89 4.72
C5 GLC E . 13.88 -12.55 6.22
C6 GLC E . 14.44 -11.14 6.41
O2 GLC E . 11.10 -15.37 4.86
O3 GLC E . 13.19 -14.58 3.16
O4 GLC E . 15.23 -12.93 4.23
O5 GLC E . 12.54 -12.56 6.78
O6 GLC E . 14.44 -10.76 7.78
C1 GLC E . 15.44 -12.71 2.87
C2 GLC E . 16.37 -13.79 2.30
C3 GLC E . 17.75 -13.69 2.95
C4 GLC E . 18.30 -12.27 2.75
C5 GLC E . 17.30 -11.26 3.32
C6 GLC E . 17.74 -9.82 3.14
O2 GLC E . 15.81 -15.08 2.52
O3 GLC E . 18.65 -14.64 2.39
O4 GLC E . 19.55 -12.15 3.40
O5 GLC E . 16.02 -11.41 2.69
O6 GLC E . 17.72 -9.44 1.77
CA CA F . -18.44 11.15 5.38
CL CL G . -5.20 1.20 1.46
S SO4 H . 0.47 -36.95 -8.34
O1 SO4 H . 0.17 -36.47 -6.97
O2 SO4 H . 0.47 -38.42 -8.34
O3 SO4 H . -0.56 -36.46 -9.27
O4 SO4 H . 1.79 -36.45 -8.76
C1 NAG I . 32.77 -15.43 -11.77
C2 NAG I . 33.68 -14.26 -12.20
C3 NAG I . 35.00 -14.79 -12.77
C4 NAG I . 35.64 -15.81 -11.84
C5 NAG I . 34.64 -16.91 -11.52
C6 NAG I . 35.20 -17.93 -10.55
C7 NAG I . 33.25 -12.21 -13.42
C8 NAG I . 32.53 -11.55 -14.59
N2 NAG I . 32.98 -13.50 -13.21
O3 NAG I . 35.92 -13.71 -12.97
O4 NAG I . 36.81 -16.38 -12.42
O5 NAG I . 33.47 -16.34 -10.91
O6 NAG I . 35.77 -17.28 -9.43
O7 NAG I . 34.02 -11.55 -12.72
C1 ACI J . -9.66 3.00 7.00
C2 ACI J . -8.19 3.01 7.32
C3 ACI J . -8.16 2.62 8.78
C4 ACI J . -8.93 3.67 9.60
C5 ACI J . -10.00 4.50 8.85
C6 ACI J . -10.63 5.69 9.59
C7 ACI J . -10.41 4.20 7.56
N1 ACI J . -10.35 1.90 6.29
O2 ACI J . -7.36 2.35 6.33
O3 ACI J . -6.83 2.39 9.26
O4 ACI J . -9.52 3.00 10.71
O6 ACI J . -9.94 6.89 9.24
N PCA K . -4.59 12.46 -12.36
CA PCA K . -4.66 11.88 -11.01
CB PCA K . -6.03 12.34 -10.49
CG PCA K . -6.86 12.16 -11.75
CD PCA K . -5.85 12.63 -12.81
OE PCA K . -6.14 13.08 -13.90
C PCA K . -4.66 10.35 -11.12
O PCA K . -4.26 9.70 -10.12
C1 MPD L . -11.89 -1.49 13.50
C2 MPD L . -13.37 -1.49 13.09
O2 MPD L . -14.16 -1.10 14.22
CM MPD L . -13.59 -0.50 11.93
C3 MPD L . -13.79 -2.89 12.67
C4 MPD L . -13.13 -3.28 11.34
O4 MPD L . -11.71 -3.07 11.42
C5 MPD L . -13.43 -4.75 11.00
#